data_5JRX
#
_entry.id   5JRX
#
_cell.length_a   90.865
_cell.length_b   127.205
_cell.length_c   42.699
_cell.angle_alpha   90.00
_cell.angle_beta   95.79
_cell.angle_gamma   90.00
#
_symmetry.space_group_name_H-M   'C 1 2 1'
#
loop_
_entity.id
_entity.type
_entity.pdbx_description
1 polymer 'Methyl-accepting chemotaxis protein'
2 non-polymer 'PROTOPORPHYRIN IX CONTAINING FE'
3 non-polymer 'CARBON MONOXIDE'
4 water water
#
_entity_poly.entity_id   1
_entity_poly.type   'polypeptide(L)'
_entity_poly.pdbx_seq_one_letter_code
;MKGTIVGTWIKTLRDLYGNDVVDESLKSVGWEPDRVITPLEDIDDDEVRRIFAKVSEKTGKNVNEIWREVGRQNIKTFSE
WFPSYFAGRRLVNFLMMMDEVHLQLTKMIKGATPPRLIAKPVAKDAIEMEYVSKRKMYDYFLGLIEGSSKFFKEEISVEE
VERGEKDGFSRLKVRIKFKNPVFEYKKN
;
_entity_poly.pdbx_strand_id   A,B
#
# COMPACT_ATOMS: atom_id res chain seq x y z
N MET A 1 11.83 3.92 6.29
CA MET A 1 11.14 4.30 5.05
C MET A 1 10.50 3.09 4.37
N LYS A 2 9.26 3.25 3.90
CA LYS A 2 8.58 2.19 3.17
C LYS A 2 9.46 1.66 2.04
N GLY A 3 9.60 0.33 2.00
CA GLY A 3 10.60 -0.28 1.12
C GLY A 3 10.35 -0.05 -0.36
N THR A 4 9.11 -0.24 -0.81
CA THR A 4 8.89 -0.09 -2.26
C THR A 4 9.05 1.36 -2.68
N ILE A 5 8.95 2.32 -1.76
CA ILE A 5 9.28 3.71 -2.12
C ILE A 5 10.79 3.87 -2.24
N VAL A 6 11.57 3.29 -1.32
CA VAL A 6 13.02 3.29 -1.52
C VAL A 6 13.34 2.64 -2.87
N GLY A 7 12.57 1.61 -3.25
CA GLY A 7 12.72 1.04 -4.59
C GLY A 7 12.63 2.08 -5.71
N THR A 8 11.69 3.03 -5.61
CA THR A 8 11.58 4.03 -6.68
C THR A 8 12.79 4.95 -6.70
N TRP A 9 13.35 5.25 -5.53
CA TRP A 9 14.54 6.09 -5.46
C TRP A 9 15.72 5.43 -6.13
N ILE A 10 15.91 4.12 -5.89
CA ILE A 10 16.98 3.39 -6.54
C ILE A 10 16.83 3.45 -8.05
N LYS A 11 15.61 3.23 -8.53
CA LYS A 11 15.38 3.31 -9.97
C LYS A 11 15.66 4.72 -10.48
N THR A 12 15.18 5.74 -9.76
CA THR A 12 15.40 7.12 -10.17
C THR A 12 16.88 7.48 -10.12
N LEU A 13 17.61 6.92 -9.13
CA LEU A 13 19.06 7.17 -9.05
C LEU A 13 19.77 6.56 -10.25
N ARG A 14 19.30 5.42 -10.74
CA ARG A 14 19.90 4.86 -11.96
C ARG A 14 19.66 5.75 -13.18
N ASP A 15 18.46 6.31 -13.29
CA ASP A 15 18.18 7.27 -14.36
C ASP A 15 19.11 8.45 -14.29
N LEU A 16 19.41 8.95 -13.08
CA LEU A 16 20.18 10.17 -12.95
C LEU A 16 21.67 9.93 -13.12
N TYR A 17 22.18 8.83 -12.55
CA TYR A 17 23.62 8.72 -12.32
C TYR A 17 24.23 7.43 -12.83
N GLY A 18 23.43 6.48 -13.27
CA GLY A 18 24.00 5.32 -13.92
C GLY A 18 23.97 4.08 -13.04
N ASN A 19 24.03 2.92 -13.66
CA ASN A 19 23.95 1.67 -12.89
C ASN A 19 25.21 1.41 -12.08
N ASP A 20 26.38 1.87 -12.55
CA ASP A 20 27.62 1.62 -11.81
C ASP A 20 27.61 2.33 -10.45
N VAL A 21 27.36 3.65 -10.45
CA VAL A 21 27.24 4.42 -9.19
C VAL A 21 26.27 3.72 -8.24
N VAL A 22 25.09 3.36 -8.74
CA VAL A 22 24.03 2.83 -7.87
C VAL A 22 24.42 1.45 -7.37
N ASP A 23 24.91 0.59 -8.27
CA ASP A 23 25.33 -0.75 -7.89
C ASP A 23 26.42 -0.73 -6.82
N GLU A 24 27.44 0.11 -7.01
CA GLU A 24 28.49 0.28 -6.00
C GLU A 24 27.92 0.78 -4.67
N SER A 25 26.96 1.72 -4.73
CA SER A 25 26.38 2.28 -3.52
C SER A 25 25.56 1.25 -2.77
N LEU A 26 24.76 0.45 -3.49
CA LEU A 26 24.00 -0.61 -2.84
C LEU A 26 24.94 -1.70 -2.31
N LYS A 27 26.06 -1.93 -2.99
CA LYS A 27 27.01 -2.93 -2.52
C LYS A 27 27.55 -2.54 -1.16
N SER A 28 27.80 -1.25 -0.95
CA SER A 28 28.40 -0.77 0.27
C SER A 28 27.50 -0.94 1.49
N VAL A 29 26.19 -1.13 1.31
CA VAL A 29 25.29 -1.44 2.42
C VAL A 29 24.78 -2.87 2.35
N GLY A 30 25.40 -3.71 1.53
CA GLY A 30 25.14 -5.14 1.58
C GLY A 30 23.91 -5.62 0.85
N TRP A 31 23.38 -4.85 -0.10
CA TRP A 31 22.13 -5.26 -0.75
C TRP A 31 22.38 -6.40 -1.75
N GLU A 32 21.50 -7.42 -1.73
CA GLU A 32 21.64 -8.51 -2.68
C GLU A 32 21.69 -8.01 -4.11
N PRO A 33 22.39 -8.73 -5.01
CA PRO A 33 22.37 -8.64 -6.46
C PRO A 33 21.30 -9.53 -7.12
N ASP A 34 20.14 -9.01 -7.48
CA ASP A 34 19.74 -7.68 -7.04
C ASP A 34 18.32 -7.73 -6.48
N ARG A 35 18.27 -7.39 -5.20
CA ARG A 35 17.11 -7.48 -4.34
C ARG A 35 15.83 -6.91 -4.95
N VAL A 36 14.72 -7.59 -4.69
CA VAL A 36 13.38 -7.07 -4.96
C VAL A 36 12.69 -6.86 -3.60
N ILE A 37 12.21 -5.64 -3.37
CA ILE A 37 11.66 -5.24 -2.07
C ILE A 37 10.15 -5.48 -2.07
N THR A 38 9.65 -6.09 -1.00
CA THR A 38 8.24 -6.44 -0.88
C THR A 38 7.40 -5.27 -0.37
N PRO A 39 6.09 -5.30 -0.64
CA PRO A 39 5.21 -4.20 -0.18
C PRO A 39 5.12 -4.03 1.32
N LEU A 40 5.47 -5.02 2.13
CA LEU A 40 5.37 -4.90 3.59
C LEU A 40 6.68 -4.47 4.23
N GLU A 41 7.77 -4.50 3.47
CA GLU A 41 9.11 -4.24 3.98
C GLU A 41 9.30 -2.77 4.32
N ASP A 42 9.95 -2.51 5.46
CA ASP A 42 10.45 -1.18 5.82
C ASP A 42 11.96 -1.21 5.71
N ILE A 43 12.55 -0.14 5.15
CA ILE A 43 13.99 -0.05 5.06
C ILE A 43 14.46 1.06 6.00
N ASP A 44 15.48 0.75 6.78
CA ASP A 44 15.96 1.64 7.83
C ASP A 44 16.37 2.97 7.21
N ASP A 45 15.94 4.08 7.83
CA ASP A 45 16.27 5.41 7.31
C ASP A 45 17.76 5.62 7.22
N ASP A 46 18.52 5.03 8.15
CA ASP A 46 19.95 5.26 8.13
C ASP A 46 20.61 4.54 6.96
N GLU A 47 20.01 3.44 6.52
CA GLU A 47 20.49 2.73 5.35
C GLU A 47 20.27 3.57 4.10
N VAL A 48 19.09 4.19 3.98
CA VAL A 48 18.85 5.16 2.91
C VAL A 48 19.90 6.25 2.96
N ARG A 49 20.16 6.80 4.15
CA ARG A 49 21.12 7.90 4.25
C ARG A 49 22.50 7.47 3.77
N ARG A 50 22.91 6.26 4.13
CA ARG A 50 24.22 5.75 3.70
C ARG A 50 24.28 5.53 2.18
N ILE A 51 23.21 5.01 1.58
CA ILE A 51 23.17 4.86 0.12
C ILE A 51 23.38 6.21 -0.55
N PHE A 52 22.58 7.22 -0.15
CA PHE A 52 22.70 8.55 -0.74
C PHE A 52 24.05 9.19 -0.45
N ALA A 53 24.65 8.90 0.72
CA ALA A 53 25.99 9.39 0.99
C ALA A 53 27.00 8.82 -0.01
N LYS A 54 26.87 7.52 -0.33
CA LYS A 54 27.78 6.91 -1.32
C LYS A 54 27.56 7.48 -2.70
N VAL A 55 26.30 7.75 -3.07
CA VAL A 55 26.05 8.38 -4.36
C VAL A 55 26.71 9.76 -4.41
N SER A 56 26.56 10.53 -3.33
CA SER A 56 27.21 11.84 -3.24
C SER A 56 28.72 11.73 -3.42
N GLU A 57 29.36 10.78 -2.72
CA GLU A 57 30.82 10.64 -2.79
C GLU A 57 31.28 10.34 -4.21
N LYS A 58 30.55 9.47 -4.92
CA LYS A 58 30.97 9.02 -6.24
C LYS A 58 30.66 10.02 -7.33
N THR A 59 29.56 10.78 -7.19
CA THR A 59 29.18 11.72 -8.22
C THR A 59 29.76 13.10 -7.98
N GLY A 60 30.20 13.38 -6.74
CA GLY A 60 30.69 14.72 -6.44
C GLY A 60 29.59 15.72 -6.17
N LYS A 61 28.33 15.29 -6.14
CA LYS A 61 27.23 16.19 -5.89
C LYS A 61 26.83 16.15 -4.43
N ASN A 62 26.46 17.33 -3.92
CA ASN A 62 25.98 17.49 -2.56
C ASN A 62 24.68 16.68 -2.36
N VAL A 63 24.53 16.07 -1.17
CA VAL A 63 23.37 15.20 -0.95
C VAL A 63 22.06 15.95 -1.14
N ASN A 64 22.00 17.22 -0.74
CA ASN A 64 20.75 17.98 -0.92
C ASN A 64 20.41 18.14 -2.39
N GLU A 65 21.42 18.36 -3.23
CA GLU A 65 21.21 18.44 -4.68
C GLU A 65 20.70 17.12 -5.23
N ILE A 66 21.26 16.00 -4.77
CA ILE A 66 20.75 14.70 -5.21
C ILE A 66 19.29 14.54 -4.84
N TRP A 67 18.92 14.88 -3.59
CA TRP A 67 17.53 14.67 -3.17
C TRP A 67 16.59 15.52 -4.02
N ARG A 68 17.02 16.72 -4.38
CA ARG A 68 16.20 17.60 -5.22
C ARG A 68 15.99 17.00 -6.61
N GLU A 69 17.07 16.52 -7.24
CA GLU A 69 16.92 15.88 -8.55
C GLU A 69 16.14 14.59 -8.46
N VAL A 70 16.31 13.84 -7.36
CA VAL A 70 15.52 12.63 -7.22
C VAL A 70 14.03 12.97 -7.10
N GLY A 71 13.69 13.98 -6.30
CA GLY A 71 12.29 14.38 -6.21
C GLY A 71 11.73 14.81 -7.57
N ARG A 72 12.53 15.55 -8.33
CA ARG A 72 12.09 16.01 -9.65
C ARG A 72 11.82 14.85 -10.59
N GLN A 73 12.68 13.83 -10.56
CA GLN A 73 12.59 12.72 -11.48
C GLN A 73 11.74 11.57 -10.94
N ASN A 74 11.43 11.56 -9.65
CA ASN A 74 10.71 10.41 -9.09
C ASN A 74 9.24 10.43 -9.43
N ILE A 75 8.67 11.59 -9.79
CA ILE A 75 7.28 11.61 -10.21
C ILE A 75 7.10 10.70 -11.43
N LYS A 76 8.00 10.77 -12.39
CA LYS A 76 7.91 9.86 -13.53
C LYS A 76 7.98 8.39 -13.10
N THR A 77 8.94 8.06 -12.22
CA THR A 77 9.00 6.69 -11.70
C THR A 77 7.69 6.27 -11.03
N PHE A 78 7.15 7.13 -10.15
CA PHE A 78 5.84 6.84 -9.54
C PHE A 78 4.78 6.58 -10.60
N SER A 79 4.78 7.37 -11.69
CA SER A 79 3.75 7.18 -12.71
C SER A 79 3.86 5.80 -13.34
N GLU A 80 5.07 5.26 -13.41
CA GLU A 80 5.26 3.91 -13.95
C GLU A 80 4.92 2.81 -12.94
N TRP A 81 5.35 2.98 -11.70
CA TRP A 81 5.23 1.94 -10.69
C TRP A 81 3.91 1.98 -9.93
N PHE A 82 3.31 3.17 -9.77
CA PHE A 82 2.06 3.35 -9.05
C PHE A 82 1.09 4.15 -9.91
N PRO A 83 0.70 3.62 -11.08
CA PRO A 83 -0.01 4.47 -12.06
C PRO A 83 -1.42 4.84 -11.64
N SER A 84 -2.01 4.10 -10.69
CA SER A 84 -3.38 4.37 -10.27
C SER A 84 -3.54 5.75 -9.65
N TYR A 85 -2.47 6.30 -9.05
CA TYR A 85 -2.55 7.61 -8.42
C TYR A 85 -2.55 8.75 -9.43
N PHE A 86 -2.29 8.45 -10.70
CA PHE A 86 -2.25 9.47 -11.73
C PHE A 86 -3.56 9.41 -12.51
N ALA A 87 -3.64 8.57 -13.54
CA ALA A 87 -4.91 8.21 -14.20
C ALA A 87 -5.82 9.43 -14.44
N GLY A 88 -5.34 10.34 -15.28
CA GLY A 88 -6.14 11.46 -15.71
C GLY A 88 -6.36 12.57 -14.71
N ARG A 89 -5.92 12.41 -13.46
CA ARG A 89 -6.13 13.45 -12.46
C ARG A 89 -5.49 14.77 -12.89
N ARG A 90 -6.06 15.86 -12.38
CA ARG A 90 -5.45 17.17 -12.48
C ARG A 90 -4.42 17.36 -11.37
N LEU A 91 -3.48 18.26 -11.60
CA LEU A 91 -2.40 18.47 -10.65
C LEU A 91 -2.93 18.83 -9.26
N VAL A 92 -3.91 19.74 -9.20
CA VAL A 92 -4.39 20.16 -7.87
C VAL A 92 -5.04 19.00 -7.13
N ASN A 93 -5.78 18.14 -7.83
CA ASN A 93 -6.33 16.96 -7.19
C ASN A 93 -5.21 16.07 -6.64
N PHE A 94 -4.19 15.85 -7.48
CA PHE A 94 -3.06 15.00 -7.11
C PHE A 94 -2.40 15.51 -5.83
N LEU A 95 -2.08 16.81 -5.78
CA LEU A 95 -1.41 17.38 -4.62
C LEU A 95 -2.27 17.26 -3.35
N MET A 96 -3.57 17.51 -3.48
CA MET A 96 -4.44 17.54 -2.32
C MET A 96 -4.72 16.16 -1.78
N MET A 97 -4.46 15.13 -2.57
CA MET A 97 -4.58 13.73 -2.23
C MET A 97 -3.38 13.18 -1.48
N MET A 98 -2.22 13.86 -1.57
CA MET A 98 -0.97 13.23 -1.13
C MET A 98 -1.00 12.90 0.36
N ASP A 99 -1.59 13.78 1.20
CA ASP A 99 -1.54 13.50 2.63
C ASP A 99 -2.21 12.19 2.96
N GLU A 100 -3.38 11.94 2.37
CA GLU A 100 -4.08 10.68 2.63
C GLU A 100 -3.34 9.49 2.02
N VAL A 101 -2.73 9.67 0.84
CA VAL A 101 -1.97 8.58 0.24
C VAL A 101 -0.83 8.14 1.15
N HIS A 102 -0.10 9.11 1.73
CA HIS A 102 1.03 8.74 2.58
C HIS A 102 0.56 8.08 3.88
N LEU A 103 -0.60 8.47 4.40
CA LEU A 103 -1.15 7.74 5.54
C LEU A 103 -1.53 6.32 5.15
N GLN A 104 -2.16 6.13 3.99
CA GLN A 104 -2.58 4.79 3.56
C GLN A 104 -1.39 3.86 3.38
N LEU A 105 -0.32 4.33 2.73
CA LEU A 105 0.79 3.46 2.36
C LEU A 105 1.67 3.10 3.55
N THR A 106 1.53 3.78 4.67
CA THR A 106 2.35 3.45 5.83
C THR A 106 1.51 2.84 6.97
N LYS A 107 0.24 2.55 6.72
CA LYS A 107 -0.68 2.15 7.79
C LYS A 107 -0.16 0.92 8.53
N MET A 108 0.37 -0.06 7.78
CA MET A 108 0.84 -1.30 8.35
C MET A 108 2.36 -1.39 8.42
N ILE A 109 3.02 -0.24 8.68
CA ILE A 109 4.41 -0.16 9.10
C ILE A 109 4.44 0.11 10.60
N LYS A 110 5.37 -0.53 11.31
CA LYS A 110 5.50 -0.32 12.75
C LYS A 110 6.27 0.96 13.02
N GLY A 111 5.79 1.72 13.99
CA GLY A 111 6.36 3.05 14.23
C GLY A 111 6.36 3.89 12.99
N ALA A 112 5.31 3.77 12.18
CA ALA A 112 5.23 4.49 10.91
C ALA A 112 5.12 5.98 11.20
N THR A 113 5.98 6.75 10.54
CA THR A 113 6.01 8.20 10.68
C THR A 113 6.01 8.83 9.29
N PRO A 114 4.90 8.74 8.55
CA PRO A 114 4.83 9.34 7.24
C PRO A 114 4.96 10.84 7.35
N PRO A 115 5.50 11.52 6.34
CA PRO A 115 5.39 12.98 6.31
C PRO A 115 3.93 13.35 6.25
N ARG A 116 3.57 14.47 6.88
CA ARG A 116 2.25 15.06 6.63
C ARG A 116 2.38 16.11 5.54
N LEU A 117 1.37 16.17 4.66
CA LEU A 117 1.43 16.99 3.44
C LEU A 117 0.12 17.73 3.24
N ILE A 118 -0.45 18.26 4.32
CA ILE A 118 -1.79 18.84 4.24
C ILE A 118 -1.79 20.03 3.32
N ALA A 119 -2.73 20.06 2.38
CA ALA A 119 -2.91 21.17 1.47
C ALA A 119 -4.27 21.80 1.72
N LYS A 120 -4.35 23.12 1.63
CA LYS A 120 -5.67 23.71 1.75
C LYS A 120 -5.79 24.84 0.75
N PRO A 121 -6.94 24.99 0.10
CA PRO A 121 -7.12 26.09 -0.83
C PRO A 121 -7.12 27.43 -0.11
N VAL A 122 -6.43 28.41 -0.69
CA VAL A 122 -6.36 29.75 -0.13
C VAL A 122 -6.79 30.81 -1.14
N ALA A 123 -6.98 30.44 -2.40
CA ALA A 123 -7.47 31.35 -3.43
C ALA A 123 -8.05 30.53 -4.57
N LYS A 124 -8.71 31.20 -5.51
CA LYS A 124 -9.21 30.49 -6.67
C LYS A 124 -8.09 29.78 -7.42
N ASP A 125 -6.87 30.31 -7.36
CA ASP A 125 -5.74 29.79 -8.14
C ASP A 125 -4.57 29.33 -7.27
N ALA A 126 -4.78 29.01 -6.00
CA ALA A 126 -3.64 28.69 -5.14
C ALA A 126 -4.02 27.76 -3.99
N ILE A 127 -3.05 26.91 -3.59
CA ILE A 127 -3.12 26.13 -2.35
C ILE A 127 -1.89 26.45 -1.53
N GLU A 128 -2.02 26.26 -0.22
CA GLU A 128 -0.89 26.15 0.69
C GLU A 128 -0.68 24.68 1.03
N MET A 129 0.55 24.21 0.89
CA MET A 129 0.89 22.85 1.29
C MET A 129 1.95 22.95 2.37
N GLU A 130 1.73 22.26 3.49
CA GLU A 130 2.66 22.30 4.61
C GLU A 130 3.25 20.91 4.81
N TYR A 131 4.55 20.80 4.60
CA TYR A 131 5.29 19.58 4.88
C TYR A 131 5.62 19.54 6.36
N VAL A 132 5.33 18.43 7.03
CA VAL A 132 5.69 18.24 8.44
C VAL A 132 6.28 16.83 8.61
N SER A 133 7.52 16.76 9.09
CA SER A 133 8.20 15.49 9.26
C SER A 133 9.46 15.68 10.08
N LYS A 134 9.79 14.68 10.90
CA LYS A 134 11.08 14.68 11.59
C LYS A 134 12.26 14.56 10.63
N ARG A 135 12.03 14.07 9.41
CA ARG A 135 13.15 13.74 8.53
C ARG A 135 13.73 14.95 7.81
N LYS A 136 13.01 16.07 7.80
CA LYS A 136 13.50 17.32 7.20
C LYS A 136 13.98 17.11 5.74
N MET A 137 13.16 16.47 4.93
CA MET A 137 13.55 16.21 3.54
C MET A 137 12.98 17.29 2.63
N TYR A 138 13.42 18.53 2.88
CA TYR A 138 12.86 19.68 2.16
C TYR A 138 13.13 19.60 0.66
N ASP A 139 14.34 19.18 0.28
CA ASP A 139 14.69 19.19 -1.14
C ASP A 139 13.89 18.16 -1.91
N TYR A 140 13.67 16.99 -1.31
CA TYR A 140 12.87 15.96 -1.95
C TYR A 140 11.43 16.45 -2.13
N PHE A 141 10.82 16.97 -1.05
CA PHE A 141 9.51 17.61 -1.09
C PHE A 141 9.39 18.65 -2.23
N LEU A 142 10.31 19.62 -2.25
CA LEU A 142 10.26 20.68 -3.26
C LEU A 142 10.49 20.12 -4.66
N GLY A 143 11.38 19.15 -4.79
CA GLY A 143 11.61 18.51 -6.08
C GLY A 143 10.39 17.76 -6.60
N LEU A 144 9.66 17.06 -5.71
CA LEU A 144 8.46 16.35 -6.17
C LEU A 144 7.42 17.33 -6.71
N ILE A 145 7.29 18.47 -6.05
CA ILE A 145 6.33 19.48 -6.50
C ILE A 145 6.71 19.96 -7.89
N GLU A 146 7.99 20.25 -8.10
CA GLU A 146 8.44 20.71 -9.42
C GLU A 146 8.26 19.62 -10.48
N GLY A 147 8.59 18.37 -10.13
CA GLY A 147 8.38 17.28 -11.08
C GLY A 147 6.91 17.05 -11.36
N SER A 148 6.05 17.31 -10.35
CA SER A 148 4.63 17.13 -10.54
C SER A 148 4.09 18.14 -11.55
N SER A 149 4.54 19.37 -11.47
CA SER A 149 4.12 20.40 -12.43
C SER A 149 4.56 20.03 -13.86
N LYS A 150 5.81 19.58 -14.04
CA LYS A 150 6.23 19.12 -15.37
C LYS A 150 5.39 17.95 -15.85
N PHE A 151 5.19 16.95 -14.99
CA PHE A 151 4.51 15.74 -15.41
C PHE A 151 3.07 16.03 -15.83
N PHE A 152 2.36 16.80 -15.02
CA PHE A 152 0.98 17.15 -15.33
C PHE A 152 0.86 18.29 -16.33
N LYS A 153 1.98 18.90 -16.74
CA LYS A 153 2.00 19.97 -17.72
C LYS A 153 1.07 21.12 -17.31
N GLU A 154 1.15 21.48 -16.02
CA GLU A 154 0.41 22.58 -15.44
C GLU A 154 1.42 23.51 -14.76
N GLU A 155 1.51 24.75 -15.22
CA GLU A 155 2.51 25.67 -14.69
C GLU A 155 2.09 26.18 -13.32
N ILE A 156 3.03 26.17 -12.37
CA ILE A 156 2.80 26.67 -11.02
C ILE A 156 3.97 27.54 -10.62
N SER A 157 3.75 28.40 -9.63
CA SER A 157 4.82 29.09 -8.94
C SER A 157 4.79 28.64 -7.48
N VAL A 158 5.97 28.49 -6.88
CA VAL A 158 6.07 27.96 -5.54
C VAL A 158 6.81 29.00 -4.69
N GLU A 159 6.12 29.50 -3.67
CA GLU A 159 6.68 30.53 -2.79
C GLU A 159 6.68 30.00 -1.37
N GLU A 160 7.81 30.15 -0.69
CA GLU A 160 7.89 29.69 0.68
C GLU A 160 7.16 30.66 1.62
N VAL A 161 6.27 30.12 2.46
CA VAL A 161 5.56 30.93 3.45
C VAL A 161 6.34 31.01 4.75
N GLU A 162 6.80 29.86 5.25
CA GLU A 162 7.52 29.80 6.51
C GLU A 162 8.14 28.42 6.67
N ARG A 163 9.14 28.33 7.54
CA ARG A 163 9.71 27.04 7.92
C ARG A 163 10.08 27.08 9.39
N GLY A 164 10.18 25.90 9.99
CA GLY A 164 10.55 25.84 11.39
C GLY A 164 10.87 24.43 11.80
N GLU A 165 11.45 24.33 13.01
CA GLU A 165 11.71 23.06 13.67
C GLU A 165 11.36 23.19 15.14
N LYS A 166 10.47 22.32 15.61
CA LYS A 166 10.14 22.29 17.04
C LYS A 166 9.95 20.84 17.45
N ASP A 167 10.54 20.47 18.59
CA ASP A 167 10.36 19.13 19.15
C ASP A 167 10.79 18.03 18.15
N GLY A 168 11.78 18.32 17.30
CA GLY A 168 12.25 17.34 16.34
C GLY A 168 11.52 17.31 15.01
N PHE A 169 10.38 17.98 14.89
CA PHE A 169 9.63 18.03 13.64
C PHE A 169 10.08 19.23 12.80
N SER A 170 10.38 18.98 11.53
CA SER A 170 10.63 20.09 10.60
C SER A 170 9.36 20.41 9.84
N ARG A 171 9.18 21.69 9.54
CA ARG A 171 7.99 22.18 8.82
C ARG A 171 8.45 23.06 7.68
N LEU A 172 7.82 22.90 6.52
CA LEU A 172 8.03 23.82 5.42
C LEU A 172 6.66 24.06 4.78
N LYS A 173 6.20 25.31 4.83
CA LYS A 173 4.91 25.69 4.25
C LYS A 173 5.15 26.53 2.99
N VAL A 174 4.57 26.07 1.87
CA VAL A 174 4.75 26.69 0.57
C VAL A 174 3.38 27.12 0.07
N ARG A 175 3.37 28.15 -0.76
CA ARG A 175 2.17 28.60 -1.45
C ARG A 175 2.32 28.23 -2.92
N ILE A 176 1.41 27.39 -3.43
CA ILE A 176 1.50 26.96 -4.82
C ILE A 176 0.39 27.67 -5.58
N LYS A 177 0.77 28.53 -6.51
CA LYS A 177 -0.17 29.31 -7.29
C LYS A 177 -0.19 28.79 -8.73
N PHE A 178 -1.39 28.49 -9.21
CA PHE A 178 -1.56 27.97 -10.56
C PHE A 178 -1.79 29.12 -11.53
N LYS A 179 -1.27 29.00 -12.74
CA LYS A 179 -1.48 30.05 -13.74
C LYS A 179 -2.97 30.19 -14.08
N ASN A 180 -3.70 29.08 -14.10
CA ASN A 180 -5.13 29.01 -14.38
C ASN A 180 -5.91 28.72 -13.10
N PRO A 181 -7.06 29.36 -12.90
CA PRO A 181 -7.87 29.08 -11.71
C PRO A 181 -8.23 27.59 -11.65
N VAL A 182 -8.17 27.03 -10.45
CA VAL A 182 -8.48 25.62 -10.23
C VAL A 182 -9.64 25.43 -9.26
N PHE A 183 -10.09 26.48 -8.58
CA PHE A 183 -11.21 26.40 -7.65
C PHE A 183 -12.27 27.44 -7.99
N GLU A 184 -13.49 27.19 -7.53
CA GLU A 184 -14.58 28.17 -7.56
C GLU A 184 -15.16 28.28 -6.15
N TYR A 185 -15.82 29.41 -5.87
CA TYR A 185 -16.56 29.57 -4.61
C TYR A 185 -17.90 28.86 -4.70
N LYS A 186 -18.21 28.06 -3.69
CA LYS A 186 -19.53 27.43 -3.60
C LYS A 186 -20.06 27.60 -2.17
N LYS A 187 -21.38 27.67 -2.06
CA LYS A 187 -22.00 27.98 -0.76
C LYS A 187 -21.79 26.83 0.22
N ASN A 188 -21.31 27.16 1.42
CA ASN A 188 -21.08 26.14 2.44
C ASN A 188 -22.33 25.88 3.27
N MET B 1 -3.49 -14.79 15.17
CA MET B 1 -3.59 -13.96 13.97
C MET B 1 -2.75 -12.71 14.08
N LYS B 2 -1.95 -12.44 13.06
CA LYS B 2 -1.07 -11.28 13.09
C LYS B 2 -1.86 -9.97 12.98
N GLY B 3 -1.32 -8.93 13.60
CA GLY B 3 -1.98 -7.63 13.56
C GLY B 3 -2.16 -7.08 12.16
N THR B 4 -1.27 -7.44 11.24
CA THR B 4 -1.33 -6.86 9.90
C THR B 4 -2.65 -7.19 9.22
N ILE B 5 -2.98 -8.47 9.12
CA ILE B 5 -4.24 -8.84 8.46
C ILE B 5 -5.43 -8.37 9.29
N VAL B 6 -5.34 -8.42 10.62
CA VAL B 6 -6.50 -8.05 11.43
C VAL B 6 -6.85 -6.59 11.18
N GLY B 7 -5.83 -5.74 11.07
CA GLY B 7 -6.08 -4.35 10.72
C GLY B 7 -6.80 -4.18 9.40
N THR B 8 -6.44 -4.98 8.39
CA THR B 8 -7.22 -4.88 7.15
C THR B 8 -8.67 -5.27 7.38
N TRP B 9 -8.89 -6.32 8.19
CA TRP B 9 -10.26 -6.77 8.44
C TRP B 9 -11.10 -5.69 9.10
N ILE B 10 -10.53 -4.98 10.09
CA ILE B 10 -11.29 -3.94 10.77
C ILE B 10 -11.67 -2.83 9.80
N LYS B 11 -10.70 -2.39 8.98
CA LYS B 11 -11.00 -1.35 8.01
C LYS B 11 -12.07 -1.82 7.03
N THR B 12 -11.95 -3.07 6.56
CA THR B 12 -12.90 -3.61 5.60
C THR B 12 -14.29 -3.74 6.24
N LEU B 13 -14.32 -4.16 7.50
CA LEU B 13 -15.60 -4.27 8.21
C LEU B 13 -16.30 -2.93 8.30
N ARG B 14 -15.54 -1.85 8.52
CA ARG B 14 -16.15 -0.53 8.58
C ARG B 14 -16.66 -0.08 7.24
N ASP B 15 -15.94 -0.40 6.16
CA ASP B 15 -16.40 -0.03 4.83
C ASP B 15 -17.66 -0.78 4.43
N LEU B 16 -17.85 -2.01 4.93
CA LEU B 16 -19.02 -2.78 4.55
C LEU B 16 -20.23 -2.43 5.42
N TYR B 17 -20.03 -2.31 6.74
CA TYR B 17 -21.13 -2.31 7.68
C TYR B 17 -21.26 -1.03 8.51
N GLY B 18 -20.35 -0.06 8.35
CA GLY B 18 -20.47 1.20 9.02
C GLY B 18 -19.77 1.23 10.38
N ASN B 19 -19.50 2.45 10.84
CA ASN B 19 -18.71 2.63 12.06
C ASN B 19 -19.47 2.16 13.30
N ASP B 20 -20.78 2.40 13.36
CA ASP B 20 -21.54 1.98 14.52
C ASP B 20 -21.46 0.47 14.71
N VAL B 21 -21.77 -0.31 13.65
CA VAL B 21 -21.70 -1.75 13.77
C VAL B 21 -20.33 -2.19 14.28
N VAL B 22 -19.25 -1.54 13.80
CA VAL B 22 -17.91 -2.02 14.13
C VAL B 22 -17.48 -1.58 15.53
N ASP B 23 -17.73 -0.34 15.91
CA ASP B 23 -17.34 0.12 17.25
C ASP B 23 -17.97 -0.75 18.33
N GLU B 24 -19.27 -1.02 18.21
CA GLU B 24 -19.94 -1.88 19.19
C GLU B 24 -19.34 -3.28 19.20
N SER B 25 -18.89 -3.80 18.06
CA SER B 25 -18.33 -5.15 18.05
C SER B 25 -17.00 -5.17 18.77
N LEU B 26 -16.19 -4.12 18.61
CA LEU B 26 -14.87 -4.08 19.24
C LEU B 26 -14.99 -3.91 20.75
N LYS B 27 -15.89 -3.04 21.21
CA LYS B 27 -16.11 -2.90 22.65
C LYS B 27 -16.48 -4.24 23.27
N SER B 28 -17.30 -5.03 22.55
CA SER B 28 -17.84 -6.29 23.04
C SER B 28 -16.78 -7.30 23.44
N VAL B 29 -15.52 -7.10 23.07
CA VAL B 29 -14.47 -8.05 23.41
C VAL B 29 -13.35 -7.39 24.22
N GLY B 30 -13.51 -6.13 24.58
CA GLY B 30 -12.52 -5.45 25.40
C GLY B 30 -11.51 -4.69 24.56
N TRP B 31 -11.99 -3.95 23.56
CA TRP B 31 -11.15 -3.14 22.70
C TRP B 31 -11.63 -1.69 22.73
N GLU B 32 -10.69 -0.76 22.74
CA GLU B 32 -11.02 0.62 22.46
C GLU B 32 -11.63 0.70 21.06
N PRO B 33 -12.76 1.38 20.89
CA PRO B 33 -13.42 1.38 19.57
C PRO B 33 -12.56 1.93 18.46
N ASP B 34 -11.47 2.63 18.77
CA ASP B 34 -10.54 3.15 17.78
C ASP B 34 -9.15 2.55 17.94
N ARG B 35 -9.04 1.39 18.57
CA ARG B 35 -7.75 0.74 18.80
C ARG B 35 -6.93 0.72 17.52
N VAL B 36 -5.63 0.98 17.65
CA VAL B 36 -4.71 0.99 16.53
C VAL B 36 -3.85 -0.27 16.61
N ILE B 37 -3.92 -1.07 15.56
CA ILE B 37 -3.28 -2.39 15.51
C ILE B 37 -1.96 -2.25 14.79
N THR B 38 -0.95 -2.99 15.25
CA THR B 38 0.41 -2.89 14.73
C THR B 38 0.79 -4.16 13.99
N PRO B 39 1.72 -4.06 13.04
CA PRO B 39 2.00 -5.21 12.15
C PRO B 39 2.38 -6.51 12.87
N LEU B 40 3.24 -6.44 13.89
CA LEU B 40 3.71 -7.65 14.55
C LEU B 40 2.84 -8.06 15.73
N GLU B 41 1.85 -7.24 16.08
CA GLU B 41 1.02 -7.47 17.26
C GLU B 41 0.21 -8.75 17.13
N ASP B 42 0.17 -9.51 18.22
CA ASP B 42 -0.54 -10.79 18.24
C ASP B 42 -1.97 -10.58 18.74
N ILE B 43 -2.93 -10.89 17.89
CA ILE B 43 -4.33 -10.88 18.25
C ILE B 43 -4.80 -12.33 18.19
N ASP B 44 -5.29 -12.84 19.33
CA ASP B 44 -5.69 -14.24 19.44
C ASP B 44 -6.93 -14.47 18.61
N ASP B 45 -6.98 -15.62 17.92
CA ASP B 45 -8.02 -15.86 16.91
C ASP B 45 -9.42 -15.75 17.48
N ASP B 46 -9.59 -16.14 18.74
CA ASP B 46 -10.94 -16.31 19.27
C ASP B 46 -11.60 -14.97 19.59
N GLU B 47 -10.81 -13.94 19.86
CA GLU B 47 -11.36 -12.60 19.94
C GLU B 47 -11.85 -12.12 18.57
N VAL B 48 -11.07 -12.42 17.52
CA VAL B 48 -11.52 -12.14 16.15
C VAL B 48 -12.83 -12.86 15.87
N ARG B 49 -12.89 -14.15 16.21
CA ARG B 49 -14.12 -14.92 16.00
C ARG B 49 -15.30 -14.24 16.67
N ARG B 50 -15.10 -13.72 17.88
CA ARG B 50 -16.22 -13.10 18.59
C ARG B 50 -16.59 -11.75 18.00
N ILE B 51 -15.58 -11.00 17.52
CA ILE B 51 -15.89 -9.74 16.83
C ILE B 51 -16.81 -10.01 15.64
N PHE B 52 -16.46 -11.03 14.84
CA PHE B 52 -17.29 -11.37 13.68
C PHE B 52 -18.64 -11.94 14.10
N ALA B 53 -18.68 -12.69 15.20
CA ALA B 53 -19.95 -13.19 15.71
C ALA B 53 -20.89 -12.03 16.02
N LYS B 54 -20.36 -10.97 16.62
CA LYS B 54 -21.22 -9.84 16.95
C LYS B 54 -21.60 -9.01 15.73
N VAL B 55 -20.72 -8.89 14.72
CA VAL B 55 -21.15 -8.20 13.51
C VAL B 55 -22.25 -9.00 12.81
N SER B 56 -22.18 -10.34 12.88
CA SER B 56 -23.28 -11.17 12.40
C SER B 56 -24.57 -10.83 13.14
N GLU B 57 -24.51 -10.81 14.48
CA GLU B 57 -25.62 -10.41 15.33
C GLU B 57 -26.24 -9.09 14.84
N LYS B 58 -25.44 -8.03 14.78
CA LYS B 58 -25.98 -6.70 14.49
C LYS B 58 -26.45 -6.58 13.05
N THR B 59 -25.72 -7.18 12.10
CA THR B 59 -26.13 -7.12 10.70
C THR B 59 -27.24 -8.10 10.40
N GLY B 60 -27.30 -9.21 11.14
CA GLY B 60 -28.21 -10.30 10.84
C GLY B 60 -27.65 -11.35 9.89
N LYS B 61 -26.64 -10.98 9.08
CA LYS B 61 -26.05 -11.91 8.14
C LYS B 61 -25.37 -13.07 8.86
N ASN B 62 -25.37 -14.24 8.21
CA ASN B 62 -24.59 -15.38 8.66
C ASN B 62 -23.10 -15.01 8.70
N VAL B 63 -22.40 -15.58 9.69
CA VAL B 63 -20.96 -15.36 9.82
C VAL B 63 -20.23 -15.71 8.53
N ASN B 64 -20.55 -16.88 7.96
CA ASN B 64 -19.93 -17.29 6.70
C ASN B 64 -20.18 -16.25 5.61
N GLU B 65 -21.37 -15.64 5.60
CA GLU B 65 -21.67 -14.62 4.61
C GLU B 65 -20.88 -13.33 4.86
N ILE B 66 -20.57 -13.04 6.12
CA ILE B 66 -19.73 -11.87 6.39
C ILE B 66 -18.27 -12.14 6.00
N TRP B 67 -17.76 -13.34 6.31
CA TRP B 67 -16.41 -13.65 5.86
C TRP B 67 -16.31 -13.62 4.35
N ARG B 68 -17.41 -13.97 3.66
CA ARG B 68 -17.40 -13.94 2.20
C ARG B 68 -17.35 -12.50 1.69
N GLU B 69 -18.12 -11.60 2.31
CA GLU B 69 -18.13 -10.20 1.89
C GLU B 69 -16.83 -9.50 2.27
N VAL B 70 -16.27 -9.86 3.42
CA VAL B 70 -14.98 -9.31 3.84
C VAL B 70 -13.89 -9.73 2.88
N GLY B 71 -13.87 -11.01 2.49
CA GLY B 71 -12.92 -11.46 1.48
C GLY B 71 -12.99 -10.67 0.19
N ARG B 72 -14.22 -10.47 -0.31
CA ARG B 72 -14.41 -9.69 -1.53
C ARG B 72 -13.86 -8.28 -1.39
N GLN B 73 -14.20 -7.61 -0.28
CA GLN B 73 -13.83 -6.22 -0.08
C GLN B 73 -12.38 -6.06 0.36
N ASN B 74 -11.81 -7.08 1.00
CA ASN B 74 -10.44 -6.93 1.50
C ASN B 74 -9.46 -6.71 0.36
N ILE B 75 -9.79 -7.17 -0.85
CA ILE B 75 -8.94 -6.94 -2.01
C ILE B 75 -8.79 -5.44 -2.26
N LYS B 76 -9.91 -4.71 -2.27
CA LYS B 76 -9.84 -3.26 -2.36
C LYS B 76 -8.97 -2.66 -1.26
N THR B 77 -9.15 -3.12 -0.01
CA THR B 77 -8.30 -2.63 1.08
C THR B 77 -6.82 -2.88 0.77
N PHE B 78 -6.48 -4.11 0.40
CA PHE B 78 -5.10 -4.42 0.02
C PHE B 78 -4.61 -3.48 -1.07
N SER B 79 -5.44 -3.23 -2.10
CA SER B 79 -5.01 -2.36 -3.19
C SER B 79 -4.76 -0.94 -2.72
N GLU B 80 -5.38 -0.53 -1.61
CA GLU B 80 -5.15 0.81 -1.08
C GLU B 80 -3.92 0.89 -0.19
N TRP B 81 -3.60 -0.18 0.55
CA TRP B 81 -2.45 -0.18 1.44
C TRP B 81 -1.18 -0.71 0.80
N PHE B 82 -1.31 -1.64 -0.13
CA PHE B 82 -0.18 -2.32 -0.76
C PHE B 82 -0.38 -2.36 -2.28
N PRO B 83 -0.48 -1.20 -2.92
CA PRO B 83 -0.76 -1.19 -4.38
C PRO B 83 0.25 -1.93 -5.25
N SER B 84 1.49 -2.12 -4.81
CA SER B 84 2.49 -2.76 -5.67
C SER B 84 2.13 -4.21 -6.01
N TYR B 85 1.37 -4.88 -5.15
CA TYR B 85 0.94 -6.24 -5.48
C TYR B 85 0.10 -6.26 -6.73
N PHE B 86 -0.59 -5.16 -7.05
CA PHE B 86 -1.56 -5.13 -8.14
C PHE B 86 -1.06 -4.44 -9.41
N ALA B 87 -0.22 -3.41 -9.28
CA ALA B 87 0.16 -2.60 -10.43
C ALA B 87 0.91 -3.45 -11.47
N GLY B 88 0.49 -3.34 -12.72
CA GLY B 88 1.19 -4.01 -13.79
C GLY B 88 0.91 -5.48 -13.90
N ARG B 89 -0.19 -5.96 -13.32
CA ARG B 89 -0.52 -7.38 -13.33
C ARG B 89 -1.94 -7.60 -13.82
N ARG B 90 -2.15 -8.80 -14.35
CA ARG B 90 -3.49 -9.27 -14.62
C ARG B 90 -3.83 -10.38 -13.63
N LEU B 91 -5.11 -10.73 -13.62
CA LEU B 91 -5.67 -11.64 -12.62
C LEU B 91 -4.86 -12.92 -12.44
N VAL B 92 -4.62 -13.65 -13.54
CA VAL B 92 -3.99 -14.96 -13.40
C VAL B 92 -2.62 -14.86 -12.78
N ASN B 93 -1.86 -13.79 -13.09
CA ASN B 93 -0.55 -13.62 -12.46
C ASN B 93 -0.70 -13.30 -10.98
N PHE B 94 -1.69 -12.47 -10.65
CA PHE B 94 -1.98 -12.17 -9.24
C PHE B 94 -2.30 -13.45 -8.48
N LEU B 95 -3.17 -14.28 -9.02
CA LEU B 95 -3.57 -15.50 -8.31
C LEU B 95 -2.40 -16.47 -8.17
N MET B 96 -1.52 -16.54 -9.18
CA MET B 96 -0.44 -17.52 -9.16
C MET B 96 0.72 -17.12 -8.26
N MET B 97 0.88 -15.83 -7.99
CA MET B 97 1.91 -15.39 -7.06
C MET B 97 1.47 -15.46 -5.60
N MET B 98 0.18 -15.72 -5.32
CA MET B 98 -0.33 -15.58 -3.96
C MET B 98 0.33 -16.54 -2.97
N ASP B 99 0.67 -17.76 -3.42
CA ASP B 99 1.34 -18.67 -2.51
C ASP B 99 2.70 -18.12 -2.10
N GLU B 100 3.54 -17.76 -3.07
CA GLU B 100 4.83 -17.17 -2.72
C GLU B 100 4.66 -15.90 -1.89
N VAL B 101 3.74 -15.02 -2.29
CA VAL B 101 3.46 -13.84 -1.47
C VAL B 101 3.31 -14.24 0.00
N HIS B 102 2.31 -15.10 0.30
CA HIS B 102 2.05 -15.51 1.69
C HIS B 102 3.25 -16.26 2.28
N LEU B 103 3.97 -17.03 1.47
CA LEU B 103 5.18 -17.71 1.89
C LEU B 103 6.34 -16.78 2.20
N GLN B 104 6.25 -15.51 1.81
CA GLN B 104 7.26 -14.54 2.23
C GLN B 104 6.90 -13.85 3.54
N LEU B 105 5.65 -13.37 3.71
CA LEU B 105 5.25 -12.78 4.98
C LEU B 105 5.46 -13.73 6.17
N THR B 106 5.58 -15.04 5.93
CA THR B 106 5.86 -15.95 7.04
C THR B 106 7.30 -15.82 7.54
N LYS B 107 8.25 -15.61 6.63
CA LYS B 107 9.65 -15.44 7.01
C LYS B 107 10.04 -13.99 7.20
N MET B 108 9.37 -13.05 6.55
CA MET B 108 9.72 -11.66 6.80
C MET B 108 9.30 -11.25 8.20
N ILE B 109 8.11 -11.66 8.62
CA ILE B 109 7.65 -11.32 9.96
C ILE B 109 7.40 -12.61 10.75
N LYS B 110 7.22 -12.42 12.06
CA LYS B 110 7.15 -13.51 13.02
C LYS B 110 5.93 -13.33 13.91
N GLY B 111 5.18 -14.41 14.15
CA GLY B 111 5.33 -15.66 13.42
C GLY B 111 4.02 -15.91 12.70
N ALA B 112 3.90 -15.37 11.49
CA ALA B 112 2.67 -15.50 10.73
C ALA B 112 2.51 -16.91 10.20
N THR B 113 1.29 -17.44 10.30
CA THR B 113 1.02 -18.78 9.81
C THR B 113 0.02 -18.70 8.66
N PRO B 114 0.44 -18.21 7.50
CA PRO B 114 -0.49 -18.01 6.40
C PRO B 114 -0.80 -19.33 5.71
N PRO B 115 -1.98 -19.45 5.13
CA PRO B 115 -2.33 -20.67 4.38
C PRO B 115 -1.45 -20.86 3.17
N ARG B 116 -1.42 -22.10 2.70
CA ARG B 116 -0.87 -22.38 1.39
C ARG B 116 -1.94 -22.18 0.34
N LEU B 117 -1.54 -21.65 -0.82
CA LEU B 117 -2.48 -21.25 -1.86
C LEU B 117 -1.97 -21.68 -3.22
N ILE B 118 -1.30 -22.83 -3.27
CA ILE B 118 -0.62 -23.32 -4.48
C ILE B 118 -1.59 -23.35 -5.64
N ALA B 119 -1.22 -22.69 -6.74
CA ALA B 119 -2.01 -22.70 -7.95
C ALA B 119 -1.21 -23.39 -9.05
N LYS B 120 -1.93 -24.01 -9.98
CA LYS B 120 -1.30 -24.66 -11.11
C LYS B 120 -2.23 -24.56 -12.31
N PRO B 121 -1.68 -24.34 -13.50
CA PRO B 121 -2.52 -24.35 -14.70
C PRO B 121 -3.02 -25.76 -15.01
N VAL B 122 -4.26 -25.85 -15.51
CA VAL B 122 -4.85 -27.15 -15.80
C VAL B 122 -5.43 -27.19 -17.21
N ALA B 123 -5.44 -26.06 -17.90
CA ALA B 123 -6.10 -25.99 -19.20
C ALA B 123 -5.65 -24.71 -19.89
N LYS B 124 -6.16 -24.52 -21.11
CA LYS B 124 -5.96 -23.27 -21.83
C LYS B 124 -6.30 -22.08 -20.94
N ASP B 125 -7.48 -22.12 -20.34
CA ASP B 125 -8.12 -20.97 -19.70
C ASP B 125 -8.47 -21.27 -18.25
N ALA B 126 -7.62 -22.03 -17.55
CA ALA B 126 -7.99 -22.42 -16.20
C ALA B 126 -6.77 -22.77 -15.36
N ILE B 127 -6.88 -22.49 -14.06
CA ILE B 127 -5.95 -22.97 -13.05
C ILE B 127 -6.75 -23.70 -11.98
N GLU B 128 -6.03 -24.43 -11.14
CA GLU B 128 -6.57 -24.94 -9.90
C GLU B 128 -5.78 -24.33 -8.76
N MET B 129 -6.49 -23.93 -7.72
CA MET B 129 -5.87 -23.36 -6.54
C MET B 129 -6.38 -24.13 -5.33
N GLU B 130 -5.46 -24.53 -4.45
CA GLU B 130 -5.80 -25.29 -3.26
C GLU B 130 -5.47 -24.49 -2.01
N TYR B 131 -6.51 -24.10 -1.27
CA TYR B 131 -6.37 -23.56 0.06
C TYR B 131 -6.05 -24.69 1.05
N VAL B 132 -4.98 -24.53 1.83
CA VAL B 132 -4.57 -25.51 2.84
C VAL B 132 -4.16 -24.76 4.09
N SER B 133 -4.83 -25.03 5.21
CA SER B 133 -4.54 -24.28 6.43
C SER B 133 -5.06 -25.02 7.65
N LYS B 134 -4.53 -24.61 8.80
CA LYS B 134 -5.04 -25.03 10.10
C LYS B 134 -6.19 -24.18 10.59
N ARG B 135 -6.71 -23.26 9.77
CA ARG B 135 -7.75 -22.34 10.22
C ARG B 135 -9.13 -22.55 9.60
N LYS B 136 -9.24 -23.20 8.46
CA LYS B 136 -10.50 -23.37 7.73
C LYS B 136 -11.28 -22.05 7.61
N MET B 137 -10.84 -21.20 6.70
CA MET B 137 -11.54 -19.95 6.41
C MET B 137 -11.97 -19.98 4.95
N TYR B 138 -12.88 -20.92 4.67
CA TYR B 138 -13.29 -21.20 3.29
C TYR B 138 -13.95 -20.00 2.64
N ASP B 139 -14.89 -19.36 3.35
CA ASP B 139 -15.63 -18.25 2.75
C ASP B 139 -14.76 -17.01 2.56
N TYR B 140 -13.78 -16.81 3.43
CA TYR B 140 -12.85 -15.72 3.22
C TYR B 140 -12.03 -15.99 1.96
N PHE B 141 -11.51 -17.21 1.83
CA PHE B 141 -10.72 -17.59 0.67
C PHE B 141 -11.52 -17.42 -0.63
N LEU B 142 -12.76 -17.93 -0.66
CA LEU B 142 -13.58 -17.78 -1.87
C LEU B 142 -13.90 -16.31 -2.16
N GLY B 143 -14.13 -15.53 -1.11
CA GLY B 143 -14.44 -14.12 -1.35
C GLY B 143 -13.28 -13.35 -1.93
N LEU B 144 -12.05 -13.67 -1.47
CA LEU B 144 -10.88 -12.99 -1.99
C LEU B 144 -10.69 -13.27 -3.47
N ILE B 145 -11.03 -14.49 -3.91
CA ILE B 145 -10.96 -14.82 -5.33
C ILE B 145 -11.98 -14.00 -6.11
N GLU B 146 -13.20 -13.92 -5.59
CA GLU B 146 -14.23 -13.12 -6.24
C GLU B 146 -13.88 -11.65 -6.26
N GLY B 147 -13.32 -11.14 -5.16
CA GLY B 147 -12.91 -9.73 -5.13
C GLY B 147 -11.78 -9.42 -6.08
N SER B 148 -10.89 -10.39 -6.29
CA SER B 148 -9.80 -10.20 -7.24
C SER B 148 -10.33 -10.12 -8.66
N SER B 149 -11.27 -10.99 -9.01
CA SER B 149 -11.94 -10.90 -10.31
C SER B 149 -12.58 -9.53 -10.49
N LYS B 150 -13.27 -9.03 -9.46
CA LYS B 150 -13.92 -7.73 -9.58
C LYS B 150 -12.90 -6.61 -9.72
N PHE B 151 -11.84 -6.63 -8.92
CA PHE B 151 -10.84 -5.57 -8.98
C PHE B 151 -10.13 -5.55 -10.33
N PHE B 152 -9.66 -6.70 -10.81
CA PHE B 152 -8.96 -6.73 -12.09
C PHE B 152 -9.91 -6.64 -13.27
N LYS B 153 -11.22 -6.67 -13.02
CA LYS B 153 -12.24 -6.58 -14.05
C LYS B 153 -12.06 -7.67 -15.10
N GLU B 154 -11.85 -8.91 -14.63
CA GLU B 154 -11.75 -10.09 -15.48
C GLU B 154 -12.73 -11.13 -14.97
N GLU B 155 -13.74 -11.44 -15.78
CA GLU B 155 -14.75 -12.42 -15.38
C GLU B 155 -14.11 -13.79 -15.23
N ILE B 156 -14.61 -14.57 -14.26
CA ILE B 156 -14.15 -15.93 -14.02
C ILE B 156 -15.30 -16.84 -13.61
N SER B 157 -15.04 -18.14 -13.73
CA SER B 157 -15.87 -19.20 -13.15
C SER B 157 -15.07 -19.84 -12.03
N VAL B 158 -15.70 -20.03 -10.88
CA VAL B 158 -15.07 -20.74 -9.76
C VAL B 158 -15.91 -21.97 -9.47
N GLU B 159 -15.31 -23.14 -9.66
CA GLU B 159 -15.93 -24.43 -9.40
C GLU B 159 -15.14 -25.13 -8.30
N GLU B 160 -15.84 -25.57 -7.25
CA GLU B 160 -15.18 -26.28 -6.15
C GLU B 160 -14.99 -27.75 -6.52
N VAL B 161 -13.73 -28.20 -6.51
CA VAL B 161 -13.45 -29.60 -6.82
C VAL B 161 -13.72 -30.48 -5.60
N GLU B 162 -13.17 -30.11 -4.45
CA GLU B 162 -13.39 -30.86 -3.22
C GLU B 162 -12.95 -30.02 -2.03
N ARG B 163 -13.40 -30.44 -0.85
CA ARG B 163 -12.91 -29.91 0.41
C ARG B 163 -12.76 -31.07 1.37
N GLY B 164 -11.97 -30.85 2.43
CA GLY B 164 -11.77 -31.89 3.42
C GLY B 164 -10.96 -31.36 4.59
N GLU B 165 -11.06 -32.07 5.72
CA GLU B 165 -10.30 -31.76 6.92
C GLU B 165 -9.65 -33.04 7.42
N LYS B 166 -8.34 -32.99 7.68
CA LYS B 166 -7.65 -34.18 8.15
C LYS B 166 -6.47 -33.74 9.02
N ASP B 167 -6.52 -34.12 10.30
CA ASP B 167 -5.46 -33.86 11.27
C ASP B 167 -5.30 -32.35 11.52
N GLY B 168 -6.43 -31.67 11.74
CA GLY B 168 -6.45 -30.24 11.91
C GLY B 168 -6.34 -29.42 10.64
N PHE B 169 -5.78 -29.98 9.56
CA PHE B 169 -5.54 -29.24 8.32
C PHE B 169 -6.77 -29.27 7.43
N SER B 170 -7.24 -28.08 7.03
CA SER B 170 -8.34 -27.96 6.09
C SER B 170 -7.81 -27.75 4.68
N ARG B 171 -8.59 -28.20 3.70
CA ARG B 171 -8.25 -28.06 2.30
C ARG B 171 -9.49 -27.71 1.51
N LEU B 172 -9.35 -26.76 0.60
CA LEU B 172 -10.42 -26.50 -0.37
C LEU B 172 -9.77 -26.30 -1.74
N LYS B 173 -10.14 -27.12 -2.70
CA LYS B 173 -9.58 -27.04 -4.05
C LYS B 173 -10.64 -26.52 -5.00
N VAL B 174 -10.29 -25.47 -5.77
CA VAL B 174 -11.22 -24.86 -6.73
C VAL B 174 -10.57 -24.88 -8.09
N ARG B 175 -11.41 -24.88 -9.11
CA ARG B 175 -10.98 -24.72 -10.49
C ARG B 175 -11.48 -23.36 -10.98
N ILE B 176 -10.55 -22.54 -11.46
CA ILE B 176 -10.89 -21.18 -11.89
C ILE B 176 -10.77 -21.09 -13.40
N LYS B 177 -11.88 -20.77 -14.06
CA LYS B 177 -11.97 -20.72 -15.52
C LYS B 177 -12.06 -19.27 -15.97
N PHE B 178 -11.02 -18.79 -16.65
CA PHE B 178 -11.02 -17.45 -17.21
C PHE B 178 -11.74 -17.42 -18.56
N LYS B 179 -12.49 -16.34 -18.82
CA LYS B 179 -13.17 -16.20 -20.10
C LYS B 179 -12.19 -16.06 -21.26
N ASN B 180 -11.01 -15.51 -21.01
CA ASN B 180 -10.02 -15.37 -22.07
C ASN B 180 -8.81 -16.26 -21.77
N PRO B 181 -8.35 -17.08 -22.74
CA PRO B 181 -7.20 -17.97 -22.51
C PRO B 181 -5.98 -17.28 -21.91
N VAL B 182 -5.17 -17.99 -21.12
CA VAL B 182 -3.90 -17.45 -20.63
C VAL B 182 -2.83 -18.55 -20.70
N PHE B 183 -1.58 -18.14 -20.46
CA PHE B 183 -0.36 -18.94 -20.70
C PHE B 183 -0.22 -19.20 -22.20
#